data_9FXQ
#
_entry.id   9FXQ
#
_cell.length_a   172.659
_cell.length_b   172.659
_cell.length_c   172.659
_cell.angle_alpha   90.00
_cell.angle_beta   90.00
_cell.angle_gamma   90.00
#
_symmetry.space_group_name_H-M   'P 41 3 2'
#
loop_
_entity.id
_entity.type
_entity.pdbx_description
1 polymer 'Ancestral Prenylcysteine Oxidase 1 (PCYOX1)'
2 non-polymer 3-[(3-CHOLAMIDOPROPYL)DIMETHYLAMMONIO]-1-PROPANESULFONATE
3 non-polymer 'FLAVIN-ADENINE DINUCLEOTIDE'
#
_entity_poly.entity_id   1
_entity_poly.type   'polypeptide(L)'
_entity_poly.pdbx_seq_one_letter_code
;HHHHHHRAPPDKIAVIGAGIGGTSAAYYLRQKFGKDVQIDVFERGEVGGRLATLNVEGQEYEAGGSVIHPLNLHMKRFVK
ELGLSVSQGAGGLMGIYNGETFVFEESSWFIINVIKLLWHYGFQFLRMHMWVEDILDKFMRIYRYQSHDYAFSSVEGLLH
ALGGDEFTRMLNRTILEALQKAGFSQKFLNEIVTPAMRVNYGQSTNINGFVGAVSLAGADSGLWSVEGGNKLVCSGLLQA
SKARLISGSVTSIEEKTRTKQTGGTVKLYEVTYQTDSGTASDLYDIVVVATPLNRKMSNITFLNFNPPIPEFHKYYHQTV
TTFVHGRLNASFFGYKAPDSFHLTDILTTDNPDLFINSIGVVSPVKEKADAASPPATGSAVWKVFSQEPLTKEQLNLLFA
SYDSVKEKKWLAYPHYKPPEKCPPIILHDRMYYLNGIEWAASAMEMSAIAAHNAALLAYHRWYGNTEMIDQEGLYEKLKT
EL
;
_entity_poly.pdbx_strand_id   A
#
# COMPACT_ATOMS: atom_id res chain seq x y z
N HIS A 6 -7.36 -35.66 4.60
CA HIS A 6 -6.31 -35.49 5.64
C HIS A 6 -4.94 -35.78 5.03
N ARG A 7 -3.96 -34.93 5.32
CA ARG A 7 -2.59 -35.11 4.75
C ARG A 7 -1.56 -34.57 5.74
N ALA A 8 -0.28 -34.80 5.45
CA ALA A 8 0.81 -34.29 6.27
C ALA A 8 0.85 -32.76 6.26
N PRO A 9 0.64 -32.06 7.41
CA PRO A 9 0.86 -30.61 7.49
C PRO A 9 2.31 -30.21 7.24
N PRO A 10 2.57 -29.02 6.65
CA PRO A 10 3.91 -28.67 6.12
C PRO A 10 4.94 -28.34 7.19
N ASP A 11 6.21 -28.66 6.91
CA ASP A 11 7.27 -28.54 7.90
C ASP A 11 7.73 -27.09 7.95
N LYS A 12 7.99 -26.51 6.77
CA LYS A 12 8.60 -25.19 6.71
C LYS A 12 7.95 -24.31 5.63
N ILE A 13 7.75 -23.04 5.99
CA ILE A 13 7.23 -22.03 5.09
C ILE A 13 8.23 -20.88 5.10
N ALA A 14 8.57 -20.34 3.92
CA ALA A 14 9.33 -19.09 3.82
C ALA A 14 8.44 -17.95 3.36
N VAL A 15 8.63 -16.80 4.02
CA VAL A 15 7.98 -15.56 3.64
C VAL A 15 9.09 -14.58 3.32
N ILE A 16 9.09 -14.11 2.08
CA ILE A 16 10.15 -13.24 1.63
C ILE A 16 9.62 -11.82 1.70
N GLY A 17 10.10 -11.13 2.73
CA GLY A 17 9.74 -9.74 2.94
C GLY A 17 9.15 -9.53 4.32
N ALA A 18 9.80 -8.67 5.10
CA ALA A 18 9.33 -8.30 6.42
C ALA A 18 8.43 -7.07 6.34
N GLY A 19 7.71 -6.92 5.22
CA GLY A 19 6.78 -5.82 5.08
C GLY A 19 5.59 -5.99 6.01
N ILE A 20 4.62 -5.08 5.92
CA ILE A 20 3.32 -5.29 6.52
C ILE A 20 2.68 -6.50 5.83
N GLY A 21 3.03 -6.71 4.56
CA GLY A 21 2.53 -7.86 3.80
C GLY A 21 3.13 -9.16 4.33
N GLY A 22 4.46 -9.20 4.38
CA GLY A 22 5.15 -10.37 4.90
C GLY A 22 4.70 -10.75 6.31
N THR A 23 4.81 -9.80 7.24
CA THR A 23 4.56 -10.12 8.63
C THR A 23 3.10 -10.49 8.83
N SER A 24 2.19 -9.91 8.03
CA SER A 24 0.79 -10.25 8.12
C SER A 24 0.59 -11.69 7.68
N ALA A 25 1.33 -12.08 6.64
CA ALA A 25 1.29 -13.45 6.18
C ALA A 25 1.76 -14.38 7.31
N ALA A 26 2.92 -14.08 7.88
CA ALA A 26 3.45 -14.91 8.94
C ALA A 26 2.40 -15.14 10.01
N TYR A 27 1.73 -14.06 10.41
CA TYR A 27 0.68 -14.12 11.42
C TYR A 27 -0.43 -15.07 10.99
N TYR A 28 -1.01 -14.85 9.82
CA TYR A 28 -2.17 -15.62 9.40
C TYR A 28 -1.80 -17.07 9.04
N LEU A 29 -0.58 -17.27 8.51
CA LEU A 29 -0.09 -18.61 8.28
C LEU A 29 -0.09 -19.38 9.58
N ARG A 30 0.47 -18.75 10.61
CA ARG A 30 0.58 -19.33 11.94
C ARG A 30 -0.80 -19.76 12.41
N GLN A 31 -1.79 -18.91 12.11
CA GLN A 31 -3.16 -19.17 12.50
C GLN A 31 -3.80 -20.31 11.72
N LYS A 32 -3.29 -20.63 10.53
CA LYS A 32 -3.91 -21.67 9.73
C LYS A 32 -3.17 -23.00 9.82
N PHE A 33 -1.85 -22.95 10.02
CA PHE A 33 -1.01 -24.15 9.96
C PHE A 33 -0.62 -24.62 11.37
N GLY A 34 -0.86 -23.79 12.39
CA GLY A 34 -0.71 -24.24 13.76
C GLY A 34 0.72 -24.05 14.23
N LYS A 35 0.93 -24.20 15.54
CA LYS A 35 2.15 -23.76 16.18
C LYS A 35 3.34 -24.55 15.62
N ASP A 36 3.04 -25.72 15.03
CA ASP A 36 4.03 -26.74 14.75
C ASP A 36 4.94 -26.31 13.61
N VAL A 37 4.35 -25.66 12.64
CA VAL A 37 5.01 -25.37 11.38
C VAL A 37 6.06 -24.26 11.56
N GLN A 38 7.24 -24.46 10.96
CA GLN A 38 8.30 -23.47 11.02
C GLN A 38 8.03 -22.37 9.99
N ILE A 39 8.01 -21.10 10.43
CA ILE A 39 7.84 -19.96 9.54
C ILE A 39 9.08 -19.05 9.59
N ASP A 40 9.71 -18.89 8.43
CA ASP A 40 10.88 -18.03 8.28
C ASP A 40 10.51 -16.81 7.44
N VAL A 41 10.86 -15.62 7.96
CA VAL A 41 10.63 -14.39 7.25
C VAL A 41 11.97 -13.78 6.87
N PHE A 42 12.20 -13.59 5.57
CA PHE A 42 13.42 -12.94 5.11
C PHE A 42 13.22 -11.43 4.94
N GLU A 43 14.28 -10.70 5.27
CA GLU A 43 14.29 -9.26 5.15
C GLU A 43 15.74 -8.84 4.91
N ARG A 44 16.00 -8.34 3.69
CA ARG A 44 17.33 -7.89 3.32
C ARG A 44 17.64 -6.61 4.09
N GLY A 45 16.60 -5.79 4.35
CA GLY A 45 16.78 -4.46 4.92
C GLY A 45 16.21 -4.35 6.33
N GLU A 46 15.36 -3.34 6.57
CA GLU A 46 14.72 -3.13 7.86
C GLU A 46 13.26 -3.58 7.81
N VAL A 47 12.79 -4.15 8.93
CA VAL A 47 11.44 -4.65 9.05
C VAL A 47 10.49 -3.46 8.85
N GLY A 48 9.43 -3.67 8.07
CA GLY A 48 8.48 -2.62 7.73
C GLY A 48 8.52 -2.24 6.25
N GLY A 49 9.67 -2.43 5.62
CA GLY A 49 9.81 -1.99 4.23
C GLY A 49 9.30 -0.58 4.09
N ARG A 50 8.36 -0.34 3.17
CA ARG A 50 7.89 1.03 2.89
C ARG A 50 7.36 1.72 4.16
N LEU A 51 7.17 0.99 5.26
CA LEU A 51 6.79 1.68 6.51
C LEU A 51 8.00 2.03 7.36
N ALA A 52 9.06 2.52 6.73
CA ALA A 52 10.22 3.09 7.41
C ALA A 52 9.88 4.45 8.02
N THR A 53 10.78 4.90 8.92
CA THR A 53 10.82 6.26 9.41
C THR A 53 12.18 6.87 9.07
N LEU A 54 12.32 8.17 9.39
CA LEU A 54 13.53 8.91 9.05
C LEU A 54 13.77 9.98 10.12
N ASN A 55 15.02 10.05 10.61
CA ASN A 55 15.40 10.93 11.70
C ASN A 55 15.68 12.32 11.16
N VAL A 56 14.95 13.34 11.69
CA VAL A 56 15.10 14.73 11.29
C VAL A 56 15.19 15.61 12.53
N GLU A 57 16.39 16.16 12.79
CA GLU A 57 16.66 16.93 13.99
C GLU A 57 16.14 16.18 15.20
N GLY A 58 16.62 14.94 15.34
CA GLY A 58 16.49 14.19 16.58
C GLY A 58 15.21 13.36 16.66
N GLN A 59 14.30 13.48 15.70
CA GLN A 59 13.00 12.85 15.82
C GLN A 59 12.73 11.99 14.58
N GLU A 60 11.85 10.99 14.76
CA GLU A 60 11.50 10.06 13.69
C GLU A 60 10.20 10.52 13.01
N TYR A 61 10.17 10.45 11.67
CA TYR A 61 9.01 10.84 10.88
C TYR A 61 8.67 9.74 9.89
N GLU A 62 7.37 9.54 9.61
CA GLU A 62 6.96 8.52 8.68
C GLU A 62 7.39 8.93 7.27
N ALA A 63 8.28 8.15 6.66
CA ALA A 63 8.78 8.41 5.31
C ALA A 63 8.07 7.57 4.24
N GLY A 64 7.39 6.50 4.63
CA GLY A 64 6.61 5.72 3.68
C GLY A 64 5.14 5.78 4.08
N GLY A 65 4.54 4.61 4.32
CA GLY A 65 3.15 4.50 4.72
C GLY A 65 2.85 5.33 5.95
N SER A 66 1.88 6.25 5.83
CA SER A 66 1.76 7.36 6.75
C SER A 66 0.44 7.32 7.51
N VAL A 67 -0.69 7.13 6.82
CA VAL A 67 -1.97 7.18 7.50
C VAL A 67 -2.82 5.97 7.13
N ILE A 68 -3.77 5.68 8.02
CA ILE A 68 -4.58 4.48 8.01
C ILE A 68 -6.04 4.88 8.14
N HIS A 69 -6.88 4.41 7.20
CA HIS A 69 -8.32 4.67 7.22
C HIS A 69 -9.01 3.88 8.34
N PRO A 70 -10.14 4.37 8.90
CA PRO A 70 -10.95 3.61 9.86
C PRO A 70 -11.52 2.28 9.40
N LEU A 71 -11.69 2.11 8.09
CA LEU A 71 -12.24 0.85 7.61
C LEU A 71 -11.09 -0.10 7.22
N ASN A 72 -9.88 0.17 7.70
CA ASN A 72 -8.78 -0.76 7.59
C ASN A 72 -8.79 -1.71 8.77
N LEU A 73 -9.61 -2.76 8.67
CA LEU A 73 -9.93 -3.55 9.84
C LEU A 73 -8.75 -4.42 10.27
N HIS A 74 -7.89 -4.83 9.32
CA HIS A 74 -6.73 -5.66 9.67
C HIS A 74 -5.81 -4.81 10.55
N MET A 75 -5.56 -3.58 10.14
CA MET A 75 -4.66 -2.72 10.88
C MET A 75 -5.31 -2.34 12.21
N LYS A 76 -6.63 -2.19 12.23
CA LYS A 76 -7.36 -1.91 13.47
C LYS A 76 -7.25 -3.12 14.41
N ARG A 77 -7.60 -4.31 13.92
CA ARG A 77 -7.51 -5.50 14.74
C ARG A 77 -6.09 -5.72 15.24
N PHE A 78 -5.07 -5.41 14.41
CA PHE A 78 -3.68 -5.69 14.76
C PHE A 78 -3.17 -4.73 15.84
N VAL A 79 -3.45 -3.44 15.68
CA VAL A 79 -2.99 -2.44 16.63
C VAL A 79 -3.62 -2.78 17.97
N LYS A 80 -4.87 -3.29 17.93
CA LYS A 80 -5.59 -3.71 19.12
C LYS A 80 -4.90 -4.91 19.75
N GLU A 81 -4.69 -5.99 18.98
CA GLU A 81 -4.09 -7.21 19.50
C GLU A 81 -2.67 -6.99 19.99
N LEU A 82 -1.90 -6.11 19.34
CA LEU A 82 -0.51 -5.85 19.71
C LEU A 82 -0.40 -4.86 20.87
N GLY A 83 -1.52 -4.22 21.25
CA GLY A 83 -1.56 -3.17 22.26
C GLY A 83 -0.59 -2.04 21.93
N LEU A 84 -0.69 -1.51 20.72
CA LEU A 84 0.03 -0.31 20.34
C LEU A 84 -0.92 0.88 20.55
N SER A 85 -0.37 2.09 20.51
CA SER A 85 -1.17 3.29 20.70
C SER A 85 -1.36 3.96 19.34
N VAL A 86 -2.52 4.62 19.15
CA VAL A 86 -2.86 5.29 17.90
C VAL A 86 -2.63 6.79 18.02
N SER A 87 -1.87 7.34 17.07
CA SER A 87 -1.66 8.77 17.01
C SER A 87 -2.74 9.38 16.13
N GLN A 88 -4.00 9.17 16.53
CA GLN A 88 -5.15 9.77 15.79
C GLN A 88 -5.12 11.28 16.06
N GLY A 89 -4.39 12.03 15.25
CA GLY A 89 -4.25 13.45 15.44
C GLY A 89 -5.24 14.12 14.48
N ALA A 90 -5.27 15.45 14.51
CA ALA A 90 -5.96 16.20 13.48
C ALA A 90 -4.95 16.56 12.41
N GLY A 91 -5.27 17.58 11.61
CA GLY A 91 -4.36 18.11 10.60
C GLY A 91 -4.23 19.62 10.75
N GLY A 92 -4.68 20.35 9.72
CA GLY A 92 -4.38 21.76 9.59
C GLY A 92 -5.17 22.43 8.45
N LEU A 93 -4.45 23.16 7.59
CA LEU A 93 -5.10 23.86 6.47
C LEU A 93 -4.65 23.21 5.16
N MET A 94 -5.52 23.23 4.14
CA MET A 94 -5.18 22.55 2.90
C MET A 94 -5.58 23.38 1.68
N GLY A 95 -4.70 23.35 0.67
CA GLY A 95 -4.93 24.07 -0.58
C GLY A 95 -4.41 23.28 -1.77
N ILE A 96 -4.92 23.66 -2.95
CA ILE A 96 -4.54 23.08 -4.21
C ILE A 96 -3.95 24.19 -5.07
N TYR A 97 -2.75 23.97 -5.57
CA TYR A 97 -2.04 24.96 -6.36
C TYR A 97 -1.94 24.46 -7.79
N ASN A 98 -2.06 25.36 -8.77
CA ASN A 98 -2.02 24.92 -10.15
C ASN A 98 -0.74 25.38 -10.85
N GLY A 99 0.14 26.10 -10.17
CA GLY A 99 1.35 26.62 -10.78
C GLY A 99 1.24 28.11 -11.11
N GLU A 100 0.12 28.72 -10.66
CA GLU A 100 -0.08 30.15 -10.76
C GLU A 100 -0.71 30.63 -9.44
N THR A 101 -1.85 30.02 -9.12
CA THR A 101 -2.55 30.38 -7.88
C THR A 101 -3.30 29.20 -7.33
N PHE A 102 -4.00 29.42 -6.21
CA PHE A 102 -4.73 28.38 -5.53
C PHE A 102 -6.14 28.33 -6.08
N VAL A 103 -6.45 27.22 -6.75
CA VAL A 103 -7.80 26.94 -7.22
C VAL A 103 -8.72 26.75 -6.04
N PHE A 104 -8.18 26.41 -4.87
CA PHE A 104 -9.00 26.25 -3.68
C PHE A 104 -8.12 26.27 -2.43
N GLU A 105 -8.68 26.91 -1.40
CA GLU A 105 -8.06 27.01 -0.09
C GLU A 105 -9.18 26.84 0.95
N GLU A 106 -8.86 26.08 2.01
CA GLU A 106 -9.78 25.83 3.10
C GLU A 106 -9.85 27.03 4.04
N SER A 107 -11.05 27.37 4.52
CA SER A 107 -11.20 28.41 5.53
C SER A 107 -11.30 27.79 6.93
N SER A 108 -11.12 28.61 7.97
CA SER A 108 -11.33 28.16 9.33
C SER A 108 -12.82 27.89 9.59
N TRP A 109 -13.74 28.57 8.89
CA TRP A 109 -15.17 28.32 9.08
C TRP A 109 -15.59 27.23 8.09
N PHE A 110 -16.17 26.13 8.59
CA PHE A 110 -16.53 24.99 7.74
C PHE A 110 -17.62 25.41 6.76
N ILE A 111 -18.53 26.28 7.20
CA ILE A 111 -19.59 26.81 6.35
C ILE A 111 -19.01 27.56 5.16
N ILE A 112 -17.96 28.39 5.33
CA ILE A 112 -17.29 29.05 4.21
C ILE A 112 -16.89 28.01 3.17
N ASN A 113 -16.27 26.93 3.66
CA ASN A 113 -15.78 25.88 2.79
C ASN A 113 -16.97 25.29 2.02
N VAL A 114 -18.10 25.06 2.71
CA VAL A 114 -19.29 24.48 2.09
C VAL A 114 -19.73 25.38 0.93
N ILE A 115 -19.87 26.67 1.24
CA ILE A 115 -20.23 27.68 0.26
C ILE A 115 -19.29 27.59 -0.94
N LYS A 116 -17.97 27.71 -0.71
CA LYS A 116 -17.00 27.75 -1.80
C LYS A 116 -17.17 26.55 -2.72
N LEU A 117 -17.32 25.37 -2.10
CA LEU A 117 -17.34 24.11 -2.82
C LEU A 117 -18.64 23.93 -3.59
N LEU A 118 -19.74 24.52 -3.07
CA LEU A 118 -21.04 24.55 -3.73
C LEU A 118 -20.97 25.41 -4.99
N TRP A 119 -20.36 26.57 -4.84
CA TRP A 119 -20.30 27.48 -5.98
C TRP A 119 -19.43 26.90 -7.05
N HIS A 120 -18.33 26.29 -6.65
CA HIS A 120 -17.34 25.87 -7.61
C HIS A 120 -17.68 24.53 -8.24
N TYR A 121 -18.33 23.65 -7.47
CA TYR A 121 -18.49 22.25 -7.85
C TYR A 121 -19.92 21.76 -7.66
N GLY A 122 -20.75 22.50 -6.94
CA GLY A 122 -22.12 22.10 -6.69
C GLY A 122 -22.21 20.90 -5.76
N PHE A 123 -23.01 19.91 -6.18
CA PHE A 123 -23.19 18.68 -5.45
C PHE A 123 -22.15 17.63 -5.83
N GLN A 124 -21.17 17.98 -6.67
CA GLN A 124 -20.22 16.98 -7.12
C GLN A 124 -19.42 16.43 -5.94
N PHE A 125 -19.30 17.24 -4.88
CA PHE A 125 -18.63 16.80 -3.66
C PHE A 125 -19.45 15.70 -3.00
N LEU A 126 -20.77 15.92 -2.91
CA LEU A 126 -21.70 14.94 -2.37
C LEU A 126 -21.77 13.68 -3.23
N ARG A 127 -21.79 13.88 -4.56
CA ARG A 127 -22.05 12.78 -5.48
C ARG A 127 -20.85 11.84 -5.50
N MET A 128 -19.65 12.41 -5.51
CA MET A 128 -18.49 11.55 -5.38
C MET A 128 -18.57 10.79 -4.05
N HIS A 129 -18.93 11.47 -2.96
CA HIS A 129 -19.01 10.75 -1.69
C HIS A 129 -19.87 9.50 -1.87
N MET A 130 -21.10 9.67 -2.38
CA MET A 130 -22.06 8.58 -2.49
C MET A 130 -21.62 7.46 -3.42
N TRP A 131 -20.89 7.82 -4.49
CA TRP A 131 -20.34 6.84 -5.42
C TRP A 131 -19.25 6.01 -4.76
N VAL A 132 -18.41 6.68 -3.94
CA VAL A 132 -17.31 6.07 -3.21
C VAL A 132 -17.86 5.15 -2.11
N GLU A 133 -18.89 5.62 -1.40
CA GLU A 133 -19.44 4.81 -0.35
C GLU A 133 -19.94 3.49 -0.93
N ASP A 134 -20.69 3.56 -2.04
CA ASP A 134 -21.15 2.31 -2.62
C ASP A 134 -19.98 1.40 -3.00
N ILE A 135 -18.83 1.96 -3.38
CA ILE A 135 -17.73 1.10 -3.77
C ILE A 135 -17.17 0.44 -2.52
N LEU A 136 -16.95 1.27 -1.49
CA LEU A 136 -16.38 0.81 -0.23
C LEU A 136 -17.24 -0.30 0.36
N ASP A 137 -18.55 -0.02 0.39
CA ASP A 137 -19.53 -0.88 1.00
C ASP A 137 -19.41 -2.29 0.42
N LYS A 138 -19.23 -2.39 -0.90
CA LYS A 138 -19.11 -3.69 -1.54
C LYS A 138 -17.77 -4.30 -1.12
N PHE A 139 -16.72 -3.48 -1.16
CA PHE A 139 -15.37 -3.92 -0.84
C PHE A 139 -15.27 -4.50 0.57
N MET A 140 -16.02 -3.95 1.52
CA MET A 140 -15.99 -4.40 2.89
C MET A 140 -16.48 -5.85 2.99
N ARG A 141 -17.20 -6.32 1.98
CA ARG A 141 -17.60 -7.72 2.02
C ARG A 141 -16.40 -8.62 2.29
N ILE A 142 -15.19 -8.20 1.87
CA ILE A 142 -14.02 -9.07 1.92
C ILE A 142 -13.85 -9.60 3.34
N TYR A 143 -14.08 -8.72 4.30
CA TYR A 143 -13.83 -9.13 5.70
C TYR A 143 -14.70 -10.32 6.01
N ARG A 144 -15.99 -10.22 5.67
CA ARG A 144 -16.88 -11.34 6.03
C ARG A 144 -16.33 -12.60 5.37
N TYR A 145 -15.83 -12.48 4.14
CA TYR A 145 -15.43 -13.68 3.44
C TYR A 145 -14.18 -14.20 4.11
N GLN A 146 -13.34 -13.30 4.64
CA GLN A 146 -12.05 -13.73 5.20
C GLN A 146 -12.22 -14.27 6.63
N SER A 147 -13.25 -13.75 7.32
CA SER A 147 -13.56 -14.22 8.64
C SER A 147 -14.23 -15.59 8.54
N HIS A 148 -14.68 -15.98 7.34
CA HIS A 148 -15.22 -17.31 7.11
C HIS A 148 -14.25 -18.17 6.28
N ASP A 149 -13.02 -17.65 6.04
CA ASP A 149 -11.86 -18.37 5.51
C ASP A 149 -11.92 -18.66 4.00
N TYR A 150 -12.79 -17.94 3.26
CA TYR A 150 -12.85 -18.10 1.83
C TYR A 150 -11.64 -17.39 1.21
N ALA A 151 -11.10 -18.02 0.16
CA ALA A 151 -9.90 -17.54 -0.49
C ALA A 151 -10.21 -17.28 -1.96
N PHE A 152 -9.24 -16.59 -2.59
CA PHE A 152 -9.30 -16.14 -3.96
C PHE A 152 -7.92 -16.32 -4.58
N SER A 153 -7.91 -16.94 -5.77
CA SER A 153 -6.70 -17.29 -6.48
C SER A 153 -6.13 -16.11 -7.29
N SER A 154 -6.90 -15.03 -7.42
CA SER A 154 -6.56 -13.98 -8.34
C SER A 154 -7.09 -12.65 -7.83
N VAL A 155 -6.31 -11.59 -7.97
CA VAL A 155 -6.77 -10.29 -7.52
C VAL A 155 -8.06 -9.90 -8.24
N GLU A 156 -8.18 -10.31 -9.51
CA GLU A 156 -9.38 -9.99 -10.26
C GLU A 156 -10.54 -10.75 -9.66
N GLY A 157 -10.29 -12.01 -9.34
CA GLY A 157 -11.38 -12.87 -8.91
C GLY A 157 -11.90 -12.44 -7.55
N LEU A 158 -10.97 -11.91 -6.76
CA LEU A 158 -11.31 -11.36 -5.47
C LEU A 158 -12.24 -10.18 -5.69
N LEU A 159 -11.82 -9.22 -6.51
CA LEU A 159 -12.63 -8.03 -6.74
C LEU A 159 -13.98 -8.42 -7.29
N HIS A 160 -13.99 -9.39 -8.20
CA HIS A 160 -15.22 -9.77 -8.83
C HIS A 160 -16.20 -10.26 -7.76
N ALA A 161 -15.66 -10.98 -6.78
CA ALA A 161 -16.45 -11.58 -5.72
C ALA A 161 -17.07 -10.53 -4.82
N LEU A 162 -16.45 -9.35 -4.76
CA LEU A 162 -16.90 -8.26 -3.94
C LEU A 162 -17.90 -7.38 -4.69
N GLY A 163 -17.52 -6.91 -5.88
CA GLY A 163 -18.34 -5.96 -6.62
C GLY A 163 -18.80 -6.46 -8.00
N GLY A 164 -18.53 -7.72 -8.33
CA GLY A 164 -18.99 -8.23 -9.60
C GLY A 164 -18.25 -7.55 -10.74
N ASP A 165 -18.93 -7.38 -11.88
CA ASP A 165 -18.26 -6.93 -13.09
C ASP A 165 -17.90 -5.46 -12.91
N GLU A 166 -18.74 -4.71 -12.21
CA GLU A 166 -18.52 -3.29 -12.01
C GLU A 166 -17.05 -3.09 -11.63
N PHE A 167 -16.53 -3.89 -10.69
CA PHE A 167 -15.21 -3.69 -10.10
C PHE A 167 -14.08 -4.11 -11.04
N THR A 168 -14.28 -5.18 -11.80
CA THR A 168 -13.29 -5.61 -12.77
C THR A 168 -13.21 -4.62 -13.94
N ARG A 169 -14.32 -3.96 -14.32
CA ARG A 169 -14.30 -2.96 -15.37
C ARG A 169 -13.59 -1.70 -14.88
N MET A 170 -13.78 -1.32 -13.62
CA MET A 170 -13.08 -0.17 -13.04
C MET A 170 -11.56 -0.38 -13.11
N LEU A 171 -11.10 -1.61 -12.84
CA LEU A 171 -9.69 -1.92 -12.94
C LEU A 171 -9.12 -1.57 -14.31
N ASN A 172 -9.93 -1.70 -15.36
CA ASN A 172 -9.38 -1.57 -16.70
C ASN A 172 -9.63 -0.17 -17.20
N ARG A 173 -10.36 0.61 -16.40
CA ARG A 173 -10.66 1.99 -16.73
C ARG A 173 -9.71 2.88 -15.94
N THR A 174 -9.52 4.09 -16.47
CA THR A 174 -8.76 5.11 -15.73
C THR A 174 -9.79 5.81 -14.88
N ILE A 175 -9.40 6.32 -13.72
CA ILE A 175 -10.36 6.90 -12.80
C ILE A 175 -10.95 8.16 -13.45
N LEU A 176 -10.25 8.67 -14.46
CA LEU A 176 -10.75 9.76 -15.27
C LEU A 176 -11.95 9.29 -16.08
N GLU A 177 -11.74 8.27 -16.93
CA GLU A 177 -12.82 7.71 -17.73
C GLU A 177 -13.99 7.46 -16.80
N ALA A 178 -13.70 6.79 -15.68
CA ALA A 178 -14.73 6.34 -14.75
C ALA A 178 -15.58 7.53 -14.30
N LEU A 179 -14.94 8.60 -13.87
CA LEU A 179 -15.70 9.67 -13.26
C LEU A 179 -16.37 10.55 -14.31
N GLN A 180 -15.92 10.51 -15.58
CA GLN A 180 -16.60 11.21 -16.68
C GLN A 180 -17.85 10.45 -17.07
N LYS A 181 -17.74 9.11 -17.04
CA LYS A 181 -18.85 8.24 -17.33
C LYS A 181 -19.90 8.36 -16.23
N ALA A 182 -19.47 8.75 -15.01
CA ALA A 182 -20.37 9.00 -13.90
C ALA A 182 -20.82 10.47 -13.83
N GLY A 183 -20.50 11.26 -14.87
CA GLY A 183 -20.95 12.64 -15.00
C GLY A 183 -20.30 13.58 -13.97
N PHE A 184 -18.99 13.45 -13.75
CA PHE A 184 -18.23 14.46 -13.03
C PHE A 184 -17.58 15.40 -14.07
N SER A 185 -17.43 16.68 -13.69
CA SER A 185 -17.06 17.75 -14.60
C SER A 185 -15.56 17.81 -14.82
N GLN A 186 -15.17 18.40 -15.95
CA GLN A 186 -13.76 18.53 -16.27
C GLN A 186 -13.11 19.36 -15.17
N LYS A 187 -13.84 20.37 -14.70
CA LYS A 187 -13.36 21.22 -13.61
C LYS A 187 -12.99 20.37 -12.38
N PHE A 188 -14.00 19.68 -11.85
CA PHE A 188 -13.87 18.90 -10.63
C PHE A 188 -12.80 17.82 -10.78
N LEU A 189 -12.65 17.27 -11.99
CA LEU A 189 -11.67 16.23 -12.21
C LEU A 189 -10.24 16.78 -12.10
N ASN A 190 -10.02 17.99 -12.61
CA ASN A 190 -8.69 18.56 -12.64
C ASN A 190 -8.35 19.29 -11.35
N GLU A 191 -9.40 19.74 -10.63
CA GLU A 191 -9.23 20.59 -9.45
C GLU A 191 -9.25 19.76 -8.17
N ILE A 192 -10.06 18.69 -8.12
CA ILE A 192 -10.20 17.94 -6.91
C ILE A 192 -9.53 16.58 -7.09
N VAL A 193 -10.01 15.82 -8.07
CA VAL A 193 -9.63 14.42 -8.23
C VAL A 193 -8.14 14.31 -8.53
N THR A 194 -7.62 15.07 -9.51
CA THR A 194 -6.26 14.87 -10.00
C THR A 194 -5.26 15.14 -8.89
N PRO A 195 -5.37 16.26 -8.12
CA PRO A 195 -4.46 16.49 -7.00
C PRO A 195 -4.41 15.32 -6.01
N ALA A 196 -5.59 14.75 -5.76
CA ALA A 196 -5.70 13.59 -4.88
C ALA A 196 -4.90 12.43 -5.44
N MET A 197 -4.90 12.24 -6.76
CA MET A 197 -4.10 11.17 -7.33
C MET A 197 -2.63 11.50 -7.15
N ARG A 198 -2.28 12.76 -7.38
CA ARG A 198 -0.88 13.15 -7.36
C ARG A 198 -0.30 12.91 -5.97
N VAL A 199 -1.01 13.39 -4.93
CA VAL A 199 -0.50 13.29 -3.57
C VAL A 199 -0.35 11.81 -3.19
N ASN A 200 -1.40 11.00 -3.47
CA ASN A 200 -1.52 9.63 -2.98
C ASN A 200 -0.60 8.71 -3.77
N TYR A 201 -0.63 8.79 -5.10
CA TYR A 201 0.06 7.81 -5.90
C TYR A 201 1.01 8.52 -6.88
N GLY A 202 1.28 9.78 -6.62
CA GLY A 202 2.27 10.45 -7.47
C GLY A 202 2.06 10.14 -8.92
N GLN A 203 0.78 10.02 -9.32
CA GLN A 203 0.44 9.79 -10.75
C GLN A 203 -0.82 10.63 -11.04
N SER A 204 -1.32 10.62 -12.28
CA SER A 204 -2.49 11.47 -12.62
C SER A 204 -3.77 10.62 -12.58
N THR A 205 -4.86 11.10 -13.19
CA THR A 205 -6.14 10.33 -13.21
C THR A 205 -6.04 9.23 -14.26
N ASN A 206 -4.83 8.93 -14.74
CA ASN A 206 -4.63 7.83 -15.72
C ASN A 206 -4.38 6.53 -14.96
N ILE A 207 -4.87 6.44 -13.72
CA ILE A 207 -4.61 5.23 -12.89
C ILE A 207 -5.91 4.42 -12.76
N ASN A 208 -5.82 3.19 -12.24
CA ASN A 208 -7.00 2.30 -12.17
C ASN A 208 -8.18 2.93 -11.45
N GLY A 209 -9.33 2.93 -12.09
CA GLY A 209 -10.55 3.41 -11.47
C GLY A 209 -10.65 2.93 -10.02
N PHE A 210 -10.16 1.71 -9.77
CA PHE A 210 -10.36 1.13 -8.46
C PHE A 210 -9.39 1.77 -7.48
N VAL A 211 -8.11 1.77 -7.86
CA VAL A 211 -7.10 2.50 -7.12
C VAL A 211 -7.65 3.88 -6.78
N GLY A 212 -8.17 4.58 -7.79
CA GLY A 212 -8.65 5.94 -7.66
C GLY A 212 -9.75 6.10 -6.62
N ALA A 213 -10.63 5.10 -6.51
CA ALA A 213 -11.77 5.18 -5.60
C ALA A 213 -11.31 4.94 -4.17
N VAL A 214 -10.34 4.04 -4.03
CA VAL A 214 -9.60 3.88 -2.79
C VAL A 214 -8.94 5.23 -2.43
N SER A 215 -8.21 5.84 -3.38
CA SER A 215 -7.62 7.15 -3.18
C SER A 215 -8.64 8.15 -2.62
N LEU A 216 -9.87 8.16 -3.15
CA LEU A 216 -10.87 9.19 -2.84
C LEU A 216 -11.52 8.94 -1.48
N ALA A 217 -11.50 7.70 -1.01
CA ALA A 217 -11.92 7.42 0.36
C ALA A 217 -10.85 7.92 1.33
N GLY A 218 -9.59 8.00 0.84
CA GLY A 218 -8.44 8.43 1.64
C GLY A 218 -8.43 9.93 1.88
N ALA A 219 -9.42 10.62 1.30
CA ALA A 219 -9.78 11.96 1.70
C ALA A 219 -10.94 11.91 2.71
N ASP A 220 -11.39 10.71 3.14
CA ASP A 220 -12.41 10.58 4.19
C ASP A 220 -11.75 10.93 5.53
N SER A 221 -12.54 11.17 6.59
CA SER A 221 -11.95 11.60 7.85
C SER A 221 -12.10 10.51 8.91
N GLY A 222 -11.38 10.69 10.03
CA GLY A 222 -11.17 9.63 11.01
C GLY A 222 -9.72 9.10 10.98
N LEU A 223 -8.91 9.53 9.99
CA LEU A 223 -7.62 8.92 9.68
C LEU A 223 -6.74 8.86 10.92
N TRP A 224 -5.80 7.88 10.95
CA TRP A 224 -4.88 7.74 12.07
C TRP A 224 -3.60 7.01 11.66
N SER A 225 -2.64 6.99 12.59
CA SER A 225 -1.37 6.30 12.39
C SER A 225 -0.97 5.67 13.71
N VAL A 226 0.04 4.79 13.67
CA VAL A 226 0.53 4.13 14.86
C VAL A 226 1.53 5.04 15.54
N GLU A 227 1.25 5.38 16.81
CA GLU A 227 2.20 6.15 17.60
C GLU A 227 3.47 5.32 17.73
N GLY A 228 4.60 5.90 17.31
CA GLY A 228 5.89 5.26 17.45
C GLY A 228 6.41 4.71 16.12
N GLY A 229 5.54 4.68 15.12
CA GLY A 229 5.90 4.22 13.79
C GLY A 229 4.90 3.19 13.29
N ASN A 230 4.56 3.29 12.01
CA ASN A 230 3.71 2.27 11.44
C ASN A 230 4.52 0.97 11.48
N LYS A 231 5.84 1.09 11.32
CA LYS A 231 6.70 -0.09 11.19
C LYS A 231 6.67 -0.96 12.44
N LEU A 232 6.15 -0.45 13.56
CA LEU A 232 6.04 -1.26 14.76
C LEU A 232 5.04 -2.37 14.52
N VAL A 233 4.03 -2.13 13.70
CA VAL A 233 3.01 -3.14 13.49
C VAL A 233 3.69 -4.37 12.90
N CYS A 234 4.62 -4.14 11.96
CA CYS A 234 5.37 -5.24 11.36
C CYS A 234 6.08 -6.09 12.42
N SER A 235 6.94 -5.46 13.24
CA SER A 235 7.73 -6.21 14.20
C SER A 235 6.83 -6.86 15.25
N GLY A 236 5.67 -6.23 15.53
CA GLY A 236 4.73 -6.70 16.52
C GLY A 236 4.03 -7.99 16.11
N LEU A 237 3.56 -8.03 14.85
CA LEU A 237 2.99 -9.24 14.26
C LEU A 237 4.05 -10.34 14.21
N LEU A 238 5.26 -9.96 13.80
CA LEU A 238 6.34 -10.91 13.63
C LEU A 238 6.55 -11.67 14.94
N GLN A 239 6.69 -10.91 16.02
CA GLN A 239 6.76 -11.46 17.36
C GLN A 239 5.56 -12.35 17.65
N ALA A 240 4.36 -11.83 17.44
CA ALA A 240 3.12 -12.51 17.80
C ALA A 240 2.86 -13.76 16.96
N SER A 241 3.55 -13.89 15.81
CA SER A 241 3.46 -15.08 14.96
C SER A 241 4.55 -16.08 15.34
N LYS A 242 5.60 -15.58 16.02
CA LYS A 242 6.67 -16.43 16.46
C LYS A 242 7.26 -17.11 15.24
N ALA A 243 7.58 -16.28 14.25
CA ALA A 243 8.37 -16.66 13.09
C ALA A 243 9.83 -16.25 13.27
N ARG A 244 10.71 -16.93 12.54
CA ARG A 244 12.13 -16.67 12.68
C ARG A 244 12.56 -15.65 11.63
N LEU A 245 13.12 -14.51 12.07
CA LEU A 245 13.51 -13.44 11.17
C LEU A 245 14.97 -13.60 10.74
N ILE A 246 15.18 -13.58 9.41
CA ILE A 246 16.49 -13.87 8.83
C ILE A 246 16.94 -12.68 8.00
N SER A 247 18.02 -12.02 8.42
CA SER A 247 18.59 -10.93 7.65
C SER A 247 19.36 -11.50 6.47
N GLY A 248 18.83 -11.31 5.28
CA GLY A 248 19.55 -11.68 4.09
C GLY A 248 18.76 -11.31 2.85
N SER A 249 19.52 -11.01 1.80
CA SER A 249 18.99 -10.74 0.48
C SER A 249 18.80 -12.06 -0.26
N VAL A 250 17.54 -12.52 -0.38
CA VAL A 250 17.25 -13.70 -1.18
C VAL A 250 17.71 -13.48 -2.63
N THR A 251 18.41 -14.47 -3.18
CA THR A 251 18.94 -14.37 -4.53
C THR A 251 18.13 -15.27 -5.47
N SER A 252 17.77 -16.47 -5.01
CA SER A 252 17.29 -17.50 -5.93
C SER A 252 16.31 -18.46 -5.26
N ILE A 253 15.50 -19.11 -6.10
CA ILE A 253 14.44 -19.99 -5.65
C ILE A 253 14.26 -21.07 -6.71
N GLU A 254 14.30 -22.34 -6.28
CA GLU A 254 14.35 -23.43 -7.24
C GLU A 254 13.58 -24.64 -6.74
N GLU A 255 12.87 -25.27 -7.68
CA GLU A 255 12.11 -26.44 -7.31
C GLU A 255 13.08 -27.61 -7.22
N LYS A 256 12.76 -28.52 -6.30
CA LYS A 256 13.45 -29.78 -6.16
C LYS A 256 12.43 -30.87 -5.93
N THR A 257 12.88 -32.14 -5.87
CA THR A 257 11.97 -33.25 -5.54
C THR A 257 12.48 -33.93 -4.27
N ARG A 258 11.58 -34.35 -3.38
CA ARG A 258 12.00 -34.95 -2.10
C ARG A 258 11.70 -36.44 -2.12
N THR A 259 11.63 -37.05 -0.95
CA THR A 259 11.33 -38.49 -0.81
C THR A 259 10.74 -38.67 0.56
N LYS A 260 9.43 -38.51 0.72
CA LYS A 260 8.89 -38.59 2.10
C LYS A 260 9.27 -39.99 2.61
N GLN A 261 9.61 -40.10 3.89
CA GLN A 261 10.06 -41.40 4.43
C GLN A 261 9.18 -42.48 3.78
N THR A 262 7.89 -42.20 3.59
CA THR A 262 6.95 -43.15 2.96
C THR A 262 7.06 -43.15 1.46
N GLY A 263 8.28 -43.20 0.94
CA GLY A 263 8.47 -43.19 -0.51
C GLY A 263 7.68 -42.06 -1.16
N GLY A 264 7.93 -40.82 -0.76
CA GLY A 264 7.25 -39.68 -1.40
C GLY A 264 7.97 -39.23 -2.65
N THR A 265 7.35 -38.32 -3.41
CA THR A 265 8.01 -37.73 -4.60
C THR A 265 7.28 -36.40 -4.85
N VAL A 266 7.54 -35.38 -4.01
CA VAL A 266 6.80 -34.09 -4.08
C VAL A 266 7.75 -32.93 -4.45
N LYS A 267 7.21 -31.71 -4.61
CA LYS A 267 8.06 -30.55 -5.00
C LYS A 267 8.36 -29.49 -3.94
N LEU A 268 9.60 -29.43 -3.45
CA LEU A 268 10.01 -28.42 -2.48
C LEU A 268 10.69 -27.24 -3.18
N TYR A 269 10.87 -26.17 -2.41
CA TYR A 269 11.50 -24.98 -2.93
C TYR A 269 12.76 -24.68 -2.12
N GLU A 270 13.88 -24.60 -2.83
CA GLU A 270 15.15 -24.21 -2.24
C GLU A 270 15.33 -22.70 -2.41
N VAL A 271 15.29 -22.00 -1.28
CA VAL A 271 15.57 -20.58 -1.23
C VAL A 271 17.02 -20.32 -0.83
N THR A 272 17.76 -19.62 -1.69
CA THR A 272 19.13 -19.25 -1.41
C THR A 272 19.14 -17.77 -1.06
N TYR A 273 19.87 -17.44 0.01
CA TYR A 273 19.97 -16.07 0.44
C TYR A 273 21.40 -15.77 0.85
N GLN A 274 21.76 -14.49 0.71
CA GLN A 274 23.10 -14.05 1.03
C GLN A 274 23.04 -13.33 2.37
N THR A 275 24.08 -13.55 3.21
CA THR A 275 24.29 -12.77 4.43
C THR A 275 25.73 -12.29 4.45
N ASP A 276 26.08 -11.55 5.52
CA ASP A 276 27.44 -11.11 5.76
C ASP A 276 28.43 -12.26 5.59
N SER A 277 28.13 -13.39 6.25
CA SER A 277 29.06 -14.51 6.33
C SER A 277 29.37 -15.11 4.95
N GLY A 278 28.43 -15.01 4.01
CA GLY A 278 28.48 -15.71 2.74
C GLY A 278 27.08 -16.23 2.42
N THR A 279 27.02 -17.19 1.47
CA THR A 279 25.74 -17.71 1.00
C THR A 279 25.18 -18.73 2.00
N ALA A 280 23.85 -18.84 2.02
CA ALA A 280 23.17 -19.83 2.83
C ALA A 280 21.82 -20.17 2.20
N SER A 281 21.29 -21.36 2.49
CA SER A 281 20.05 -21.80 1.88
C SER A 281 19.28 -22.72 2.82
N ASP A 282 18.04 -23.01 2.42
CA ASP A 282 17.17 -23.85 3.21
C ASP A 282 16.03 -24.24 2.28
N LEU A 283 15.32 -25.32 2.65
CA LEU A 283 14.32 -25.92 1.80
C LEU A 283 12.93 -25.74 2.40
N TYR A 284 11.95 -25.39 1.56
CA TYR A 284 10.64 -25.01 2.06
C TYR A 284 9.53 -25.68 1.25
N ASP A 285 8.45 -26.02 1.98
CA ASP A 285 7.28 -26.71 1.45
C ASP A 285 6.38 -25.68 0.76
N ILE A 286 6.35 -24.45 1.31
CA ILE A 286 5.57 -23.34 0.78
C ILE A 286 6.38 -22.04 0.77
N VAL A 287 6.14 -21.19 -0.22
CA VAL A 287 6.79 -19.89 -0.26
C VAL A 287 5.74 -18.81 -0.52
N VAL A 288 5.83 -17.73 0.24
CA VAL A 288 5.02 -16.56 -0.01
C VAL A 288 6.00 -15.43 -0.27
N VAL A 289 5.87 -14.82 -1.44
CA VAL A 289 6.64 -13.64 -1.76
C VAL A 289 5.85 -12.42 -1.33
N ALA A 290 6.39 -11.66 -0.38
CA ALA A 290 5.70 -10.48 0.10
C ALA A 290 6.59 -9.27 -0.18
N THR A 291 7.18 -9.28 -1.39
CA THR A 291 7.89 -8.15 -1.95
C THR A 291 7.61 -8.10 -3.45
N PRO A 292 7.52 -6.89 -4.05
CA PRO A 292 7.41 -6.75 -5.50
C PRO A 292 8.52 -7.52 -6.19
N LEU A 293 8.23 -8.02 -7.39
CA LEU A 293 9.22 -8.75 -8.17
C LEU A 293 9.74 -7.90 -9.33
N ASN A 294 10.24 -6.70 -9.04
CA ASN A 294 11.12 -5.97 -9.94
C ASN A 294 12.56 -6.43 -9.65
N ARG A 295 13.43 -6.38 -10.66
CA ARG A 295 14.86 -6.70 -10.44
C ARG A 295 15.53 -5.50 -9.74
N LYS A 296 14.83 -4.36 -9.67
CA LYS A 296 15.34 -3.17 -8.99
C LYS A 296 14.89 -3.17 -7.52
N MET A 297 13.93 -4.04 -7.15
CA MET A 297 13.29 -3.97 -5.84
C MET A 297 13.45 -5.25 -5.01
N SER A 298 13.68 -6.41 -5.67
CA SER A 298 13.84 -7.73 -5.06
C SER A 298 14.40 -8.67 -6.13
N ASN A 299 15.74 -8.78 -6.10
CA ASN A 299 16.45 -9.52 -7.17
C ASN A 299 16.41 -11.01 -6.89
N ILE A 300 15.26 -11.62 -7.15
CA ILE A 300 15.15 -13.04 -6.97
C ILE A 300 15.14 -13.73 -8.32
N THR A 301 15.94 -14.76 -8.48
CA THR A 301 15.99 -15.47 -9.76
C THR A 301 15.26 -16.79 -9.64
N PHE A 302 14.44 -17.13 -10.63
CA PHE A 302 13.64 -18.33 -10.50
C PHE A 302 14.13 -19.43 -11.43
N LEU A 303 14.68 -20.49 -10.81
CA LEU A 303 15.45 -21.49 -11.51
C LEU A 303 14.65 -22.77 -11.71
N ASN A 304 14.83 -23.39 -12.87
CA ASN A 304 14.32 -24.73 -13.18
C ASN A 304 12.88 -24.89 -12.73
N PHE A 305 12.02 -23.99 -13.18
CA PHE A 305 10.59 -24.10 -12.81
C PHE A 305 9.84 -24.71 -13.97
N ASN A 306 8.84 -25.52 -13.63
CA ASN A 306 8.02 -26.19 -14.67
C ASN A 306 6.57 -26.19 -14.20
N PRO A 307 5.75 -25.25 -14.69
CA PRO A 307 6.17 -24.39 -15.78
C PRO A 307 6.72 -23.13 -15.20
N PRO A 308 7.19 -22.19 -16.06
CA PRO A 308 7.84 -21.01 -15.55
C PRO A 308 6.84 -20.16 -14.87
N ILE A 309 7.35 -19.40 -13.94
CA ILE A 309 6.45 -18.46 -13.26
C ILE A 309 5.87 -17.59 -14.36
N PRO A 310 4.54 -17.28 -14.34
CA PRO A 310 3.97 -16.38 -15.33
C PRO A 310 4.36 -14.94 -15.10
N GLU A 311 3.99 -14.11 -16.05
CA GLU A 311 4.60 -12.77 -16.23
C GLU A 311 4.08 -11.78 -15.19
N PHE A 312 4.85 -11.54 -14.15
CA PHE A 312 4.50 -10.50 -13.17
C PHE A 312 5.28 -9.27 -13.53
N HIS A 313 6.07 -9.38 -14.60
CA HIS A 313 6.98 -8.28 -15.00
C HIS A 313 5.99 -7.14 -14.82
N LYS A 314 6.40 -6.12 -14.06
CA LYS A 314 5.67 -4.83 -14.04
C LYS A 314 6.56 -3.77 -13.37
N TYR A 315 6.27 -2.49 -13.58
CA TYR A 315 7.18 -1.42 -13.10
C TYR A 315 6.53 -0.53 -12.09
N TYR A 316 7.34 -0.06 -11.15
CA TYR A 316 6.79 0.77 -10.06
C TYR A 316 7.12 2.21 -10.35
N HIS A 317 6.56 3.13 -9.57
CA HIS A 317 6.71 4.52 -9.90
C HIS A 317 7.63 5.15 -8.86
N GLN A 318 8.51 6.04 -9.32
CA GLN A 318 9.43 6.67 -8.40
C GLN A 318 8.72 7.85 -7.71
N THR A 319 8.85 7.88 -6.40
CA THR A 319 8.42 9.03 -5.65
C THR A 319 9.52 9.27 -4.63
N VAL A 320 9.94 10.53 -4.48
CA VAL A 320 10.97 10.92 -3.52
C VAL A 320 10.33 11.66 -2.34
N THR A 321 10.46 11.11 -1.14
CA THR A 321 10.00 11.83 0.03
C THR A 321 11.17 12.66 0.52
N THR A 322 11.05 13.99 0.43
CA THR A 322 12.06 14.92 0.91
C THR A 322 11.53 15.62 2.16
N PHE A 323 12.31 15.54 3.23
CA PHE A 323 11.95 16.23 4.49
C PHE A 323 12.84 17.45 4.67
N VAL A 324 12.28 18.59 5.08
CA VAL A 324 13.05 19.80 5.31
C VAL A 324 12.65 20.46 6.64
N HIS A 325 13.65 20.71 7.50
CA HIS A 325 13.47 21.57 8.67
C HIS A 325 13.80 23.00 8.26
N GLY A 326 12.77 23.83 8.14
CA GLY A 326 12.98 25.21 7.65
C GLY A 326 11.66 25.86 7.26
N ARG A 327 11.65 27.15 6.95
CA ARG A 327 10.38 27.87 6.65
C ARG A 327 10.12 27.82 5.14
N LEU A 328 8.85 27.94 4.71
CA LEU A 328 8.55 27.84 3.30
C LEU A 328 8.87 29.15 2.63
N ASN A 329 8.68 29.19 1.30
CA ASN A 329 8.59 30.44 0.55
C ASN A 329 7.14 30.69 0.14
N ALA A 330 6.34 31.28 1.03
CA ALA A 330 4.92 31.52 0.78
C ALA A 330 4.69 32.38 -0.46
N SER A 331 5.74 33.14 -0.87
CA SER A 331 5.75 33.98 -2.05
C SER A 331 5.93 33.17 -3.34
N PHE A 332 6.42 31.93 -3.22
CA PHE A 332 6.56 31.02 -4.35
C PHE A 332 5.21 30.44 -4.75
N PHE A 333 4.21 30.64 -3.90
CA PHE A 333 2.83 30.30 -4.22
C PHE A 333 1.97 31.56 -4.36
N GLY A 334 2.57 32.76 -4.34
CA GLY A 334 1.79 33.98 -4.65
C GLY A 334 1.15 34.78 -3.53
N TYR A 335 1.85 35.06 -2.41
CA TYR A 335 1.19 35.71 -1.24
C TYR A 335 1.57 37.18 -0.94
N LYS A 336 2.72 37.71 -1.38
CA LYS A 336 3.17 39.08 -0.99
C LYS A 336 2.98 39.20 0.52
N ALA A 337 2.43 40.32 1.02
CA ALA A 337 2.13 40.37 2.44
C ALA A 337 1.01 39.37 2.75
N PRO A 338 1.28 38.20 3.38
CA PRO A 338 0.26 37.20 3.62
C PRO A 338 -0.19 37.31 5.06
N ASP A 339 -1.42 37.75 5.29
CA ASP A 339 -1.82 38.00 6.67
C ASP A 339 -1.46 36.83 7.63
N SER A 340 -2.14 35.72 7.43
CA SER A 340 -1.89 34.55 8.28
C SER A 340 -2.41 33.35 7.49
N PHE A 341 -1.58 32.34 7.33
CA PHE A 341 -2.05 31.12 6.64
C PHE A 341 -3.17 30.55 7.48
N THR A 344 -0.91 24.10 5.86
CA THR A 344 -0.05 22.98 6.30
C THR A 344 0.15 21.92 5.19
N ASP A 345 -0.74 21.87 4.21
CA ASP A 345 -0.62 20.94 3.09
C ASP A 345 -0.99 21.64 1.79
N ILE A 346 -0.15 21.44 0.77
CA ILE A 346 -0.39 21.97 -0.57
C ILE A 346 -0.38 20.81 -1.58
N LEU A 347 -1.49 20.63 -2.31
CA LEU A 347 -1.57 19.61 -3.35
C LEU A 347 -1.49 20.32 -4.69
N THR A 348 -1.07 19.59 -5.73
CA THR A 348 -0.84 20.22 -7.01
C THR A 348 -1.80 19.64 -8.05
N THR A 349 -2.10 20.44 -9.05
CA THR A 349 -2.77 19.98 -10.25
C THR A 349 -1.70 19.45 -11.19
N ASP A 350 -2.15 18.85 -12.31
CA ASP A 350 -1.25 18.19 -13.25
C ASP A 350 -0.64 19.22 -14.20
N ASN A 351 0.16 20.15 -13.66
CA ASN A 351 0.83 21.16 -14.44
C ASN A 351 2.31 20.85 -14.57
N PRO A 352 2.83 20.53 -15.78
CA PRO A 352 4.19 19.99 -15.91
C PRO A 352 5.30 21.03 -15.79
N ASP A 353 4.93 22.25 -15.37
CA ASP A 353 5.90 23.26 -14.93
C ASP A 353 6.24 23.05 -13.44
N LEU A 354 5.30 22.48 -12.67
CA LEU A 354 5.56 22.15 -11.28
C LEU A 354 6.63 21.06 -11.21
N PHE A 355 7.31 20.94 -10.07
CA PHE A 355 8.34 19.91 -9.97
C PHE A 355 8.03 19.02 -8.75
N ILE A 356 6.97 19.36 -8.03
CA ILE A 356 6.58 18.64 -6.83
C ILE A 356 5.17 18.05 -7.04
N ASN A 357 4.86 17.05 -6.21
CA ASN A 357 3.54 16.45 -6.17
C ASN A 357 2.73 17.10 -5.05
N SER A 358 3.39 17.30 -3.91
CA SER A 358 2.75 17.90 -2.75
C SER A 358 3.84 18.44 -1.82
N ILE A 359 3.41 19.15 -0.79
CA ILE A 359 4.29 19.69 0.23
C ILE A 359 3.49 20.04 1.48
N GLY A 360 3.89 19.45 2.62
CA GLY A 360 3.07 19.45 3.81
C GLY A 360 3.88 19.32 5.11
N VAL A 361 3.48 20.11 6.11
CA VAL A 361 4.09 20.11 7.44
C VAL A 361 3.68 18.81 8.09
N VAL A 362 4.64 18.14 8.73
CA VAL A 362 4.38 16.84 9.34
C VAL A 362 4.69 16.91 10.84
N SER A 363 4.02 16.04 11.63
CA SER A 363 4.35 15.76 13.03
C SER A 363 5.22 14.49 13.10
N PRO A 364 6.11 14.33 14.10
CA PRO A 364 6.90 13.11 14.20
C PRO A 364 6.04 11.96 14.72
N VAL A 365 6.58 10.72 14.63
CA VAL A 365 5.85 9.52 15.01
C VAL A 365 5.55 9.54 16.51
N LYS A 366 6.59 9.88 17.28
CA LYS A 366 6.50 9.96 18.72
C LYS A 366 5.60 11.15 19.01
N GLU A 367 5.13 11.29 20.24
CA GLU A 367 4.30 12.43 20.53
C GLU A 367 4.94 13.09 21.76
N LYS A 368 5.39 14.32 21.57
CA LYS A 368 6.47 14.90 22.34
C LYS A 368 5.99 15.38 23.71
N GLY A 378 7.00 29.17 12.59
CA GLY A 378 7.04 28.30 11.40
C GLY A 378 8.34 27.54 11.32
N SER A 379 9.08 27.72 10.21
CA SER A 379 10.41 27.07 10.08
C SER A 379 10.33 25.64 10.62
N ALA A 380 9.30 24.89 10.25
CA ALA A 380 9.13 23.55 10.86
C ALA A 380 9.52 22.43 9.89
N VAL A 381 9.03 21.23 10.18
CA VAL A 381 9.33 20.06 9.31
C VAL A 381 8.31 19.90 8.19
N TRP A 382 8.82 19.84 6.96
CA TRP A 382 7.95 19.71 5.79
C TRP A 382 8.22 18.37 5.11
N LYS A 383 7.25 17.90 4.32
CA LYS A 383 7.42 16.66 3.57
C LYS A 383 7.04 16.95 2.12
N VAL A 384 7.95 16.62 1.20
CA VAL A 384 7.81 16.96 -0.20
C VAL A 384 7.80 15.69 -1.04
N PHE A 385 6.67 15.40 -1.69
CA PHE A 385 6.64 14.38 -2.73
C PHE A 385 7.04 15.02 -4.06
N SER A 386 8.10 14.48 -4.68
CA SER A 386 8.58 14.90 -5.98
C SER A 386 8.88 13.66 -6.81
N GLN A 387 8.85 13.78 -8.14
CA GLN A 387 9.15 12.66 -9.01
C GLN A 387 10.67 12.41 -9.00
N GLU A 388 11.45 13.48 -8.78
CA GLU A 388 12.91 13.43 -8.89
C GLU A 388 13.55 14.04 -7.66
N PRO A 389 14.85 13.74 -7.42
CA PRO A 389 15.61 14.40 -6.36
C PRO A 389 15.58 15.91 -6.56
N LEU A 390 15.24 16.63 -5.49
CA LEU A 390 15.21 18.10 -5.49
C LEU A 390 16.64 18.64 -5.59
N THR A 391 16.86 19.57 -6.55
CA THR A 391 18.14 20.27 -6.68
C THR A 391 18.20 21.42 -5.68
N LYS A 392 19.42 21.93 -5.46
CA LYS A 392 19.61 23.07 -4.58
C LYS A 392 18.72 24.23 -5.02
N GLU A 393 18.60 24.44 -6.35
CA GLU A 393 17.87 25.56 -6.92
C GLU A 393 16.39 25.50 -6.56
N GLN A 394 15.86 24.26 -6.53
CA GLN A 394 14.46 23.96 -6.25
C GLN A 394 14.17 23.96 -4.76
N LEU A 395 15.15 23.56 -3.95
CA LEU A 395 15.04 23.73 -2.52
C LEU A 395 14.99 25.21 -2.15
N ASN A 396 15.90 26.01 -2.76
CA ASN A 396 15.99 27.44 -2.54
C ASN A 396 14.74 28.17 -3.01
N LEU A 397 14.28 27.72 -4.16
CA LEU A 397 13.08 28.38 -4.74
C LEU A 397 11.93 27.97 -3.85
N LEU A 398 12.13 26.88 -3.12
CA LEU A 398 11.00 26.36 -2.34
C LEU A 398 10.99 26.96 -0.95
N PHE A 399 12.15 26.99 -0.31
CA PHE A 399 12.07 27.47 1.08
C PHE A 399 12.94 28.66 1.27
N ALA A 400 12.50 29.53 2.16
CA ALA A 400 13.30 30.68 2.53
C ALA A 400 14.63 30.19 3.13
N SER A 401 14.53 29.38 4.19
CA SER A 401 15.70 28.82 4.86
C SER A 401 15.42 27.37 5.27
N TYR A 402 16.50 26.61 5.46
CA TYR A 402 16.38 25.23 5.86
C TYR A 402 17.70 24.77 6.49
N ASP A 403 17.63 24.30 7.75
CA ASP A 403 18.79 23.85 8.48
C ASP A 403 19.19 22.45 8.02
N SER A 404 18.21 21.57 7.81
CA SER A 404 18.55 20.16 7.50
C SER A 404 17.64 19.57 6.40
N VAL A 405 18.19 18.63 5.60
CA VAL A 405 17.42 18.02 4.47
C VAL A 405 17.60 16.50 4.48
N LYS A 406 16.50 15.76 4.32
CA LYS A 406 16.57 14.27 4.27
C LYS A 406 15.71 13.80 3.10
N GLU A 407 16.11 12.72 2.43
CA GLU A 407 15.38 12.31 1.21
C GLU A 407 15.46 10.81 0.94
N LYS A 408 14.31 10.13 0.79
CA LYS A 408 14.36 8.74 0.38
C LYS A 408 13.73 8.58 -1.00
N LYS A 409 14.43 7.88 -1.86
CA LYS A 409 13.89 7.54 -3.20
C LYS A 409 13.07 6.29 -2.96
N TRP A 410 11.82 6.27 -3.37
CA TRP A 410 10.94 5.14 -3.02
C TRP A 410 10.25 4.57 -4.23
N LEU A 411 10.66 3.39 -4.70
CA LEU A 411 9.80 2.70 -5.70
C LEU A 411 8.62 2.48 -4.76
N ALA A 412 7.58 3.31 -4.87
CA ALA A 412 6.56 3.38 -3.80
C ALA A 412 5.35 2.54 -4.14
N TYR A 413 4.94 2.52 -5.38
CA TYR A 413 3.68 1.86 -5.78
C TYR A 413 3.80 1.58 -7.24
N PRO A 414 2.87 0.84 -7.86
CA PRO A 414 2.89 0.64 -9.30
C PRO A 414 2.86 1.93 -10.12
N HIS A 415 3.32 1.79 -11.36
CA HIS A 415 3.10 2.88 -12.33
C HIS A 415 1.84 2.42 -13.03
N TYR A 416 0.71 2.68 -12.38
CA TYR A 416 -0.56 2.16 -12.93
C TYR A 416 -0.68 2.49 -14.38
N LYS A 417 -0.71 1.45 -15.21
CA LYS A 417 -0.92 1.66 -16.65
C LYS A 417 -2.13 0.85 -17.10
N PRO A 418 -3.36 1.26 -16.76
CA PRO A 418 -4.53 0.53 -17.23
C PRO A 418 -4.56 0.61 -18.72
N PRO A 419 -5.47 -0.09 -19.41
CA PRO A 419 -5.90 -1.42 -19.02
C PRO A 419 -4.76 -2.39 -18.86
N GLU A 420 -4.84 -3.22 -17.83
CA GLU A 420 -3.76 -4.18 -17.55
C GLU A 420 -4.27 -5.28 -16.61
N LYS A 421 -3.53 -6.38 -16.52
CA LYS A 421 -3.99 -7.52 -15.70
C LYS A 421 -3.11 -7.65 -14.47
N CYS A 422 -3.71 -7.62 -13.30
CA CYS A 422 -2.97 -7.70 -12.05
C CYS A 422 -2.07 -8.92 -12.05
N PRO A 423 -0.87 -8.82 -11.43
CA PRO A 423 0.04 -9.96 -11.34
C PRO A 423 -0.59 -11.09 -10.53
N PRO A 424 -0.22 -12.36 -10.80
CA PRO A 424 -0.94 -13.48 -10.21
C PRO A 424 -0.68 -13.48 -8.72
N ILE A 425 -1.52 -14.26 -8.04
CA ILE A 425 -1.30 -14.59 -6.65
C ILE A 425 -0.54 -15.89 -6.59
N ILE A 426 -0.71 -16.70 -7.64
CA ILE A 426 -0.04 -17.99 -7.68
C ILE A 426 1.08 -17.95 -8.70
N LEU A 427 2.32 -18.01 -8.22
CA LEU A 427 3.48 -18.05 -9.10
C LEU A 427 3.75 -19.49 -9.51
N HIS A 428 3.51 -20.45 -8.61
CA HIS A 428 3.89 -21.86 -8.93
C HIS A 428 3.10 -22.87 -8.07
N ASP A 429 3.54 -24.14 -8.06
CA ASP A 429 2.83 -25.22 -7.32
C ASP A 429 2.39 -24.72 -5.94
N ARG A 430 3.33 -24.34 -5.08
CA ARG A 430 3.00 -23.88 -3.71
C ARG A 430 3.74 -22.56 -3.42
N MET A 431 3.77 -21.66 -4.40
CA MET A 431 4.49 -20.40 -4.22
C MET A 431 3.52 -19.27 -4.56
N TYR A 432 3.31 -18.36 -3.59
CA TYR A 432 2.28 -17.36 -3.70
C TYR A 432 2.92 -15.98 -3.65
N TYR A 433 2.27 -15.01 -4.31
CA TYR A 433 2.84 -13.68 -4.50
C TYR A 433 1.74 -12.67 -4.22
N LEU A 434 1.91 -11.98 -3.09
CA LEU A 434 0.79 -11.23 -2.57
C LEU A 434 0.78 -9.84 -3.20
N ASN A 435 1.96 -9.31 -3.57
CA ASN A 435 2.06 -7.93 -3.99
C ASN A 435 1.37 -7.66 -5.33
N GLY A 436 0.82 -8.69 -6.00
CA GLY A 436 -0.12 -8.46 -7.09
C GLY A 436 -1.23 -7.46 -6.72
N ILE A 437 -1.63 -7.44 -5.44
CA ILE A 437 -2.76 -6.69 -4.93
C ILE A 437 -2.56 -5.20 -5.13
N GLU A 438 -1.31 -4.77 -5.19
CA GLU A 438 -1.05 -3.34 -5.24
C GLU A 438 -1.81 -2.78 -6.44
N TRP A 439 -1.94 -3.59 -7.51
CA TRP A 439 -2.53 -3.14 -8.78
C TRP A 439 -4.04 -2.96 -8.65
N ALA A 440 -4.59 -3.26 -7.47
CA ALA A 440 -5.94 -2.85 -7.13
C ALA A 440 -5.93 -1.65 -6.20
N ALA A 441 -4.96 -1.60 -5.28
CA ALA A 441 -4.71 -0.44 -4.45
C ALA A 441 -3.43 -0.67 -3.65
N SER A 442 -2.49 0.29 -3.66
CA SER A 442 -1.34 0.20 -2.78
C SER A 442 -1.68 0.95 -1.51
N ALA A 443 -1.77 0.17 -0.44
CA ALA A 443 -2.05 0.68 0.87
C ALA A 443 -1.66 -0.41 1.87
N MET A 444 -1.61 -0.02 3.14
CA MET A 444 -1.22 -0.91 4.21
C MET A 444 -2.24 -2.04 4.21
N GLU A 445 -3.50 -1.65 4.37
CA GLU A 445 -4.57 -2.62 4.54
C GLU A 445 -4.68 -3.53 3.32
N MET A 446 -4.30 -3.04 2.15
CA MET A 446 -4.37 -3.92 0.99
C MET A 446 -3.33 -5.03 1.12
N SER A 447 -2.12 -4.70 1.58
CA SER A 447 -1.16 -5.74 1.83
C SER A 447 -1.70 -6.74 2.85
N ALA A 448 -2.43 -6.25 3.86
CA ALA A 448 -2.97 -7.12 4.90
C ALA A 448 -4.05 -8.05 4.35
N ILE A 449 -4.86 -7.56 3.40
CA ILE A 449 -5.90 -8.39 2.87
C ILE A 449 -5.27 -9.50 2.03
N ALA A 450 -4.22 -9.13 1.28
CA ALA A 450 -3.55 -10.06 0.39
C ALA A 450 -2.86 -11.17 1.17
N ALA A 451 -2.16 -10.77 2.23
CA ALA A 451 -1.52 -11.69 3.14
C ALA A 451 -2.54 -12.65 3.72
N HIS A 452 -3.69 -12.12 4.17
CA HIS A 452 -4.72 -12.97 4.73
C HIS A 452 -5.17 -13.95 3.66
N ASN A 453 -5.50 -13.41 2.49
CA ASN A 453 -5.99 -14.23 1.39
C ASN A 453 -4.93 -15.24 0.97
N ALA A 454 -3.67 -14.81 0.91
CA ALA A 454 -2.58 -15.67 0.50
C ALA A 454 -2.47 -16.85 1.45
N ALA A 455 -2.54 -16.58 2.75
CA ALA A 455 -2.49 -17.64 3.76
C ALA A 455 -3.65 -18.63 3.61
N LEU A 456 -4.89 -18.14 3.59
CA LEU A 456 -6.04 -18.99 3.34
C LEU A 456 -5.85 -19.86 2.09
N LEU A 457 -5.43 -19.23 0.99
CA LEU A 457 -5.34 -19.93 -0.29
C LEU A 457 -4.34 -21.07 -0.17
N ALA A 458 -3.17 -20.79 0.41
CA ALA A 458 -2.11 -21.77 0.53
C ALA A 458 -2.60 -22.97 1.31
N TYR A 459 -3.33 -22.65 2.39
CA TYR A 459 -3.88 -23.62 3.31
C TYR A 459 -4.90 -24.49 2.59
N HIS A 460 -5.88 -23.85 1.98
CA HIS A 460 -6.87 -24.59 1.22
C HIS A 460 -6.23 -25.39 0.10
N ARG A 461 -5.20 -24.83 -0.54
CA ARG A 461 -4.51 -25.53 -1.61
C ARG A 461 -3.75 -26.73 -1.04
N TRP A 462 -3.15 -26.58 0.15
CA TRP A 462 -2.41 -27.67 0.74
C TRP A 462 -3.33 -28.83 1.11
N TYR A 463 -4.50 -28.51 1.65
CA TYR A 463 -5.39 -29.52 2.20
C TYR A 463 -6.55 -29.78 1.25
N GLY A 464 -6.60 -29.04 0.16
CA GLY A 464 -7.46 -29.39 -0.96
C GLY A 464 -8.93 -29.11 -0.69
N ASN A 465 -9.17 -28.00 0.00
CA ASN A 465 -10.51 -27.55 0.34
C ASN A 465 -11.00 -26.66 -0.81
N THR A 466 -11.41 -27.28 -1.93
CA THR A 466 -11.66 -26.49 -3.13
C THR A 466 -13.03 -25.84 -3.05
N GLU A 467 -13.83 -26.29 -2.07
CA GLU A 467 -15.10 -25.66 -1.73
C GLU A 467 -14.90 -24.27 -1.15
N MET A 468 -13.65 -23.90 -0.82
CA MET A 468 -13.31 -22.66 -0.13
C MET A 468 -12.64 -21.66 -1.06
N ILE A 469 -12.40 -22.05 -2.30
CA ILE A 469 -11.62 -21.18 -3.15
C ILE A 469 -12.50 -20.66 -4.29
N ASP A 470 -12.35 -19.37 -4.59
CA ASP A 470 -12.99 -18.75 -5.72
C ASP A 470 -14.50 -18.96 -5.68
N GLN A 471 -15.07 -18.83 -4.47
CA GLN A 471 -16.50 -18.95 -4.30
C GLN A 471 -17.17 -17.61 -4.61
N GLU A 472 -18.18 -17.62 -5.49
CA GLU A 472 -18.85 -16.41 -5.94
C GLU A 472 -20.21 -16.31 -5.28
N GLY A 473 -20.74 -15.08 -5.20
CA GLY A 473 -22.07 -14.83 -4.66
C GLY A 473 -22.13 -15.13 -3.16
N LEU A 474 -20.94 -15.13 -2.54
CA LEU A 474 -20.78 -15.37 -1.12
C LEU A 474 -21.67 -14.43 -0.30
N TYR A 475 -21.50 -13.12 -0.52
CA TYR A 475 -22.23 -12.08 0.19
C TYR A 475 -23.74 -12.23 0.36
N GLU A 476 -24.40 -12.64 -0.73
CA GLU A 476 -25.82 -13.00 -0.72
C GLU A 476 -26.07 -14.06 0.35
N LYS A 477 -25.37 -15.19 0.23
CA LYS A 477 -25.59 -16.34 1.13
C LYS A 477 -25.16 -15.96 2.54
N LEU A 478 -24.00 -15.31 2.65
CA LEU A 478 -23.49 -14.88 3.97
C LEU A 478 -24.43 -13.79 4.52
N LYS A 479 -25.03 -12.99 3.63
CA LYS A 479 -26.01 -11.98 4.11
C LYS A 479 -27.08 -12.72 4.91
N THR A 480 -27.36 -12.23 6.12
CA THR A 480 -28.38 -12.86 6.99
C THR A 480 -29.26 -13.76 6.16
#